data_8PDE
#
_entry.id   8PDE
#
_cell.length_a   57.024
_cell.length_b   76.330
_cell.length_c   56.240
_cell.angle_alpha   90.00
_cell.angle_beta   92.57
_cell.angle_gamma   90.00
#
_symmetry.space_group_name_H-M   'P 1 21 1'
#
loop_
_entity.id
_entity.type
_entity.pdbx_description
1 polymer 'MEF2D protein'
2 polymer 'HDAC4 (histone deacetylase 4) binding motif peptide:GSGEVKMKLQEFVLNKK'
3 polymer "DNA (5'-D(P*AP*AP*CP*TP*AP*TP*TP*TP*AP*TP*AP*AP*GP*A)-3')"
4 polymer "DNA (5'-D(P*TP*CP*TP*TP*AP*TP*AP*AP*AP*TP*AP*GP*TP*T)-3')"
5 water water
#
loop_
_entity_poly.entity_id
_entity_poly.type
_entity_poly.pdbx_seq_one_letter_code
_entity_poly.pdbx_strand_id
1 'polypeptide(L)'
;MGRKKIQIQRITDERNRQVTFTKRKFGLMKKAYELSVLCDCEIALIIFNHSNKLFQYASTDMDKVLLKYTEYNEPHESRT
NADIIETLRKKGFNG
;
A,B,D,E
2 'polypeptide(L)' GSGEVKMKLQEFVLNKK C,X
3 'polydeoxyribonucleotide' (DA)(DA)(DC)(DT)(DA)(DT)(DT)(DT)(DA)(DT)(DA)(DA)(DG)(DA) F,K
4 'polydeoxyribonucleotide' (DT)(DC)(DT)(DT)(DA)(DT)(DA)(DA)(DA)(DT)(DA)(DG)(DT)(DT) G,L
#
loop_
_chem_comp.id
_chem_comp.type
_chem_comp.name
_chem_comp.formula
DA DNA linking 2'-DEOXYADENOSINE-5'-MONOPHOSPHATE 'C10 H14 N5 O6 P'
DC DNA linking 2'-DEOXYCYTIDINE-5'-MONOPHOSPHATE 'C9 H14 N3 O7 P'
DG DNA linking 2'-DEOXYGUANOSINE-5'-MONOPHOSPHATE 'C10 H14 N5 O7 P'
DT DNA linking THYMIDINE-5'-MONOPHOSPHATE 'C10 H15 N2 O8 P'
#
# COMPACT_ATOMS: atom_id res chain seq x y z
N GLY A 2 17.21 -8.01 -7.78
CA GLY A 2 17.10 -9.27 -8.58
C GLY A 2 18.21 -10.26 -8.21
N ARG A 3 18.07 -11.50 -8.71
CA ARG A 3 19.01 -12.58 -8.45
C ARG A 3 20.42 -12.23 -8.94
N LYS A 4 20.51 -11.41 -10.00
CA LYS A 4 21.76 -10.82 -10.43
C LYS A 4 21.52 -9.39 -10.90
N LYS A 5 22.54 -8.55 -10.71
CA LYS A 5 22.64 -7.25 -11.35
C LYS A 5 22.66 -7.46 -12.86
N ILE A 6 21.93 -6.59 -13.58
CA ILE A 6 21.94 -6.48 -15.02
C ILE A 6 22.50 -5.12 -15.41
N GLN A 7 23.10 -5.06 -16.60
CA GLN A 7 23.53 -3.82 -17.21
C GLN A 7 22.29 -3.14 -17.78
N ILE A 8 22.28 -1.80 -17.81
CA ILE A 8 21.26 -1.06 -18.53
C ILE A 8 21.67 -1.00 -20.00
N GLN A 9 21.20 -2.00 -20.76
CA GLN A 9 21.44 -2.19 -22.18
C GLN A 9 20.21 -2.87 -22.80
N ARG A 10 20.06 -2.77 -24.12
CA ARG A 10 18.92 -3.34 -24.81
C ARG A 10 18.91 -4.86 -24.60
N ILE A 11 17.74 -5.39 -24.22
CA ILE A 11 17.50 -6.82 -24.15
C ILE A 11 17.16 -7.32 -25.55
N THR A 12 17.87 -8.37 -26.01
CA THR A 12 17.79 -8.84 -27.38
C THR A 12 16.80 -10.00 -27.49
N ASP A 13 16.77 -10.86 -26.45
CA ASP A 13 15.79 -11.94 -26.38
C ASP A 13 14.39 -11.32 -26.27
N GLU A 14 13.61 -11.44 -27.34
CA GLU A 14 12.27 -10.89 -27.51
C GLU A 14 11.37 -11.20 -26.31
N ARG A 15 11.49 -12.41 -25.76
CA ARG A 15 10.66 -12.92 -24.68
C ARG A 15 11.08 -12.28 -23.35
N ASN A 16 12.40 -12.20 -23.13
CA ASN A 16 12.92 -11.59 -21.92
C ASN A 16 12.49 -10.12 -21.89
N ARG A 17 12.50 -9.49 -23.08
CA ARG A 17 12.19 -8.07 -23.28
C ARG A 17 10.75 -7.79 -22.91
N GLN A 18 9.81 -8.64 -23.37
CA GLN A 18 8.39 -8.47 -23.17
C GLN A 18 8.03 -8.66 -21.70
N VAL A 19 8.71 -9.61 -21.04
CA VAL A 19 8.48 -9.98 -19.64
C VAL A 19 8.95 -8.83 -18.74
N THR A 20 10.21 -8.39 -18.95
CA THR A 20 10.76 -7.24 -18.29
C THR A 20 9.87 -6.02 -18.53
N PHE A 21 9.47 -5.82 -19.79
CA PHE A 21 8.65 -4.69 -20.20
C PHE A 21 7.37 -4.57 -19.36
N THR A 22 6.69 -5.70 -19.15
CA THR A 22 5.42 -5.69 -18.45
C THR A 22 5.61 -5.46 -16.96
N LYS A 23 6.58 -6.16 -16.36
CA LYS A 23 6.97 -6.01 -14.96
C LYS A 23 7.34 -4.56 -14.62
N ARG A 24 8.26 -3.99 -15.40
CA ARG A 24 8.86 -2.69 -15.12
C ARG A 24 7.88 -1.57 -15.43
N LYS A 25 7.07 -1.76 -16.48
CA LYS A 25 6.00 -0.83 -16.81
C LYS A 25 5.06 -0.75 -15.60
N PHE A 26 4.67 -1.89 -15.04
CA PHE A 26 3.80 -1.80 -13.88
C PHE A 26 4.50 -1.08 -12.73
N GLY A 27 5.80 -1.38 -12.55
CA GLY A 27 6.57 -0.84 -11.44
C GLY A 27 6.63 0.68 -11.48
N LEU A 28 6.80 1.21 -12.69
CA LEU A 28 6.92 2.62 -12.99
C LEU A 28 5.58 3.31 -12.75
N MET A 29 4.47 2.69 -13.17
CA MET A 29 3.15 3.27 -12.96
C MET A 29 2.82 3.28 -11.47
N LYS A 30 3.25 2.25 -10.73
CA LYS A 30 3.01 2.14 -9.31
C LYS A 30 3.77 3.24 -8.56
N LYS A 31 5.01 3.53 -8.97
CA LYS A 31 5.78 4.63 -8.41
C LYS A 31 5.07 5.95 -8.70
N ALA A 32 4.55 6.11 -9.92
CA ALA A 32 3.82 7.31 -10.31
C ALA A 32 2.57 7.47 -9.46
N TYR A 33 1.81 6.40 -9.28
CA TYR A 33 0.65 6.38 -8.40
C TYR A 33 1.05 6.88 -7.00
N GLU A 34 2.09 6.29 -6.42
CA GLU A 34 2.53 6.63 -5.07
C GLU A 34 2.90 8.10 -4.98
N LEU A 35 3.68 8.59 -5.95
CA LEU A 35 4.15 9.98 -5.96
C LEU A 35 2.96 10.95 -6.02
N SER A 36 1.93 10.62 -6.81
CA SER A 36 0.80 11.49 -7.07
C SER A 36 -0.03 11.69 -5.80
N VAL A 37 -0.07 10.64 -4.96
CA VAL A 37 -0.86 10.63 -3.72
C VAL A 37 -0.07 11.26 -2.58
N LEU A 38 1.16 10.79 -2.38
CA LEU A 38 2.05 11.27 -1.33
C LEU A 38 2.22 12.79 -1.43
N CYS A 39 2.53 13.27 -2.63
CA CYS A 39 2.87 14.72 -2.79
C CYS A 39 1.79 15.47 -3.58
N ASP A 40 0.56 14.95 -3.62
CA ASP A 40 -0.56 15.69 -4.26
C ASP A 40 -0.15 16.18 -5.65
N CYS A 41 0.10 15.26 -6.58
CA CYS A 41 0.59 15.67 -7.93
C CYS A 41 -0.31 15.11 -9.04
N GLU A 42 -0.26 15.71 -10.23
CA GLU A 42 -0.99 15.18 -11.40
C GLU A 42 0.08 14.66 -12.37
N ILE A 43 -0.05 13.43 -12.85
CA ILE A 43 1.04 12.85 -13.62
C ILE A 43 0.48 12.15 -14.86
N ALA A 44 1.18 12.29 -15.99
CA ALA A 44 0.86 11.61 -17.23
C ALA A 44 2.13 10.91 -17.75
N LEU A 45 1.95 9.66 -18.21
CA LEU A 45 3.06 8.88 -18.74
C LEU A 45 2.69 8.38 -20.14
N ILE A 46 3.60 8.57 -21.11
CA ILE A 46 3.41 8.05 -22.45
C ILE A 46 4.56 7.09 -22.78
N ILE A 47 4.25 5.86 -23.19
CA ILE A 47 5.23 4.85 -23.53
C ILE A 47 4.92 4.28 -24.92
N PHE A 48 5.90 4.35 -25.84
CA PHE A 48 5.86 3.59 -27.09
C PHE A 48 6.89 2.46 -27.00
N ASN A 49 6.42 1.22 -27.10
CA ASN A 49 7.30 0.06 -26.99
C ASN A 49 8.07 -0.13 -28.29
N HIS A 50 8.83 -1.23 -28.39
CA HIS A 50 9.63 -1.54 -29.57
C HIS A 50 8.75 -1.63 -30.82
N SER A 51 7.52 -2.12 -30.64
CA SER A 51 6.56 -2.36 -31.73
C SER A 51 5.70 -1.13 -32.01
N ASN A 52 6.04 0.02 -31.38
CA ASN A 52 5.34 1.29 -31.48
C ASN A 52 3.87 1.17 -31.06
N LYS A 53 3.61 0.35 -30.06
CA LYS A 53 2.29 0.32 -29.44
C LYS A 53 2.30 1.30 -28.28
N LEU A 54 1.28 2.17 -28.23
CA LEU A 54 1.16 3.22 -27.24
C LEU A 54 0.55 2.67 -25.95
N PHE A 55 1.20 2.91 -24.80
CA PHE A 55 0.66 2.69 -23.47
C PHE A 55 0.67 4.03 -22.73
N GLN A 56 -0.42 4.31 -22.00
CA GLN A 56 -0.49 5.57 -21.29
C GLN A 56 -1.05 5.36 -19.88
N TYR A 57 -0.65 6.27 -18.98
CA TYR A 57 -1.14 6.32 -17.61
C TYR A 57 -1.32 7.80 -17.24
N ALA A 58 -2.34 8.06 -16.42
CA ALA A 58 -2.60 9.38 -15.85
C ALA A 58 -3.17 9.18 -14.45
N SER A 59 -2.55 9.83 -13.45
CA SER A 59 -3.08 9.82 -12.09
C SER A 59 -4.61 9.97 -12.10
N THR A 60 -5.11 10.92 -12.91
CA THR A 60 -6.54 11.22 -12.93
C THR A 60 -7.10 11.25 -14.35
N ASP A 61 -6.57 12.16 -15.18
CA ASP A 61 -7.11 12.38 -16.53
C ASP A 61 -6.01 12.81 -17.50
N MET A 62 -5.70 11.95 -18.48
CA MET A 62 -4.62 12.22 -19.43
C MET A 62 -4.90 13.50 -20.22
N ASP A 63 -6.14 13.64 -20.69
CA ASP A 63 -6.57 14.77 -21.49
C ASP A 63 -6.37 16.09 -20.74
N LYS A 64 -6.88 16.14 -19.50
CA LYS A 64 -6.71 17.32 -18.66
C LYS A 64 -5.24 17.67 -18.52
N VAL A 65 -4.40 16.66 -18.20
CA VAL A 65 -2.97 16.88 -18.03
C VAL A 65 -2.38 17.46 -19.32
N LEU A 66 -2.70 16.86 -20.47
CA LEU A 66 -2.20 17.36 -21.74
C LEU A 66 -2.67 18.79 -21.99
N LEU A 67 -3.98 19.05 -21.82
CA LEU A 67 -4.55 20.38 -21.93
C LEU A 67 -3.78 21.40 -21.08
N LYS A 68 -3.52 21.05 -19.81
CA LYS A 68 -2.78 21.92 -18.93
C LYS A 68 -1.39 22.18 -19.52
N TYR A 69 -0.75 21.14 -20.09
CA TYR A 69 0.63 21.24 -20.55
C TYR A 69 0.77 22.39 -21.53
N THR A 70 -0.24 22.55 -22.39
CA THR A 70 -0.22 23.49 -23.50
C THR A 70 -0.27 24.94 -23.02
N GLU A 71 -0.70 25.15 -21.76
CA GLU A 71 -0.84 26.47 -21.17
C GLU A 71 0.48 26.96 -20.57
N TYR A 72 1.50 26.09 -20.47
CA TYR A 72 2.85 26.48 -20.09
C TYR A 72 3.73 26.60 -21.34
N ASN A 73 4.32 27.79 -21.52
CA ASN A 73 5.28 28.04 -22.59
C ASN A 73 6.60 27.33 -22.30
N GLU A 74 6.89 27.14 -21.00
CA GLU A 74 8.19 26.66 -20.54
C GLU A 74 8.04 25.64 -19.41
N PRO A 75 8.71 24.47 -19.51
CA PRO A 75 8.76 23.50 -18.41
C PRO A 75 9.66 24.06 -17.31
N HIS A 76 9.21 23.89 -16.07
CA HIS A 76 9.90 24.43 -14.91
C HIS A 76 11.19 23.64 -14.66
N GLU A 77 11.23 22.40 -15.15
CA GLU A 77 12.41 21.53 -15.20
C GLU A 77 12.20 20.56 -16.35
N SER A 78 13.28 20.24 -17.08
CA SER A 78 13.22 19.38 -18.25
C SER A 78 14.46 18.47 -18.26
N ARG A 79 14.24 17.14 -18.13
CA ARG A 79 15.30 16.15 -18.15
C ARG A 79 15.12 15.18 -19.31
N THR A 80 16.25 14.60 -19.74
CA THR A 80 16.30 13.50 -20.70
C THR A 80 17.19 12.40 -20.14
N ASN A 81 17.31 11.29 -20.88
CA ASN A 81 18.19 10.20 -20.51
C ASN A 81 19.60 10.72 -20.21
N ALA A 82 20.12 11.57 -21.10
CA ALA A 82 21.43 12.19 -20.95
C ALA A 82 21.61 12.78 -19.53
N ASP A 83 20.62 13.52 -19.03
CA ASP A 83 20.61 14.12 -17.71
C ASP A 83 20.70 13.06 -16.61
N ILE A 84 19.92 11.98 -16.76
CA ILE A 84 19.87 10.91 -15.75
C ILE A 84 21.20 10.18 -15.74
N ILE A 85 21.71 9.83 -16.92
CA ILE A 85 23.01 9.18 -17.07
C ILE A 85 24.08 10.03 -16.38
N GLU A 86 24.04 11.36 -16.54
CA GLU A 86 25.04 12.23 -15.93
C GLU A 86 24.92 12.20 -14.40
N THR A 87 23.69 12.26 -13.87
CA THR A 87 23.50 12.27 -12.42
C THR A 87 24.09 10.99 -11.81
N LEU A 88 23.84 9.84 -12.46
CA LEU A 88 24.33 8.55 -11.99
C LEU A 88 25.86 8.48 -11.99
N ARG A 89 26.48 9.08 -13.01
CA ARG A 89 27.92 9.16 -13.08
C ARG A 89 28.49 9.77 -11.80
N LYS A 90 27.92 10.90 -11.36
CA LYS A 90 28.43 11.63 -10.22
C LYS A 90 28.29 10.80 -8.95
N LYS A 91 27.60 9.67 -9.04
CA LYS A 91 27.36 8.79 -7.89
C LYS A 91 27.75 7.37 -8.28
N GLY A 92 28.93 7.23 -8.92
CA GLY A 92 29.43 5.94 -9.37
C GLY A 92 28.92 5.59 -10.76
N GLY B 2 12.81 2.17 3.25
CA GLY B 2 12.99 3.33 4.18
C GLY B 2 13.27 2.86 5.61
N ARG B 3 13.59 3.82 6.49
CA ARG B 3 13.74 3.58 7.92
C ARG B 3 12.42 3.09 8.51
N LYS B 4 11.30 3.46 7.89
CA LYS B 4 9.98 2.97 8.27
C LYS B 4 9.13 2.83 7.02
N LYS B 5 8.20 1.86 7.04
CA LYS B 5 7.09 1.83 6.11
C LYS B 5 6.26 3.10 6.29
N ILE B 6 5.94 3.76 5.15
CA ILE B 6 4.92 4.80 5.09
C ILE B 6 3.71 4.26 4.36
N GLN B 7 2.53 4.77 4.74
CA GLN B 7 1.29 4.46 4.03
C GLN B 7 1.24 5.35 2.80
N ILE B 8 0.59 4.88 1.74
CA ILE B 8 0.38 5.69 0.54
C ILE B 8 -0.82 6.61 0.77
N GLN B 9 -0.52 7.81 1.26
CA GLN B 9 -1.47 8.78 1.77
C GLN B 9 -0.79 10.15 1.67
N ARG B 10 -1.56 11.23 1.42
CA ARG B 10 -1.00 12.57 1.30
C ARG B 10 -0.12 12.90 2.51
N ILE B 11 1.08 13.42 2.23
CA ILE B 11 1.98 13.95 3.25
C ILE B 11 1.56 15.39 3.56
N THR B 12 1.44 15.70 4.87
CA THR B 12 0.91 16.98 5.33
C THR B 12 2.03 17.98 5.61
N ASP B 13 3.13 17.51 6.23
CA ASP B 13 4.28 18.36 6.49
C ASP B 13 4.89 18.82 5.16
N GLU B 14 4.76 20.12 4.88
CA GLU B 14 5.16 20.80 3.66
C GLU B 14 6.58 20.42 3.23
N ARG B 15 7.49 20.34 4.22
CA ARG B 15 8.91 20.14 3.95
C ARG B 15 9.19 18.67 3.63
N ASN B 16 8.53 17.78 4.38
CA ASN B 16 8.59 16.35 4.12
C ASN B 16 8.11 16.07 2.71
N ARG B 17 7.05 16.77 2.27
CA ARG B 17 6.43 16.62 0.97
C ARG B 17 7.39 17.01 -0.15
N GLN B 18 8.08 18.15 0.02
CA GLN B 18 9.01 18.71 -0.94
C GLN B 18 10.21 17.76 -1.15
N VAL B 19 10.68 17.18 -0.03
CA VAL B 19 11.85 16.32 0.02
C VAL B 19 11.52 14.96 -0.63
N THR B 20 10.41 14.35 -0.21
CA THR B 20 9.88 13.15 -0.83
C THR B 20 9.70 13.36 -2.34
N PHE B 21 9.13 14.52 -2.70
CA PHE B 21 8.85 14.85 -4.09
C PHE B 21 10.12 14.82 -4.95
N THR B 22 11.14 15.59 -4.57
CA THR B 22 12.40 15.63 -5.30
C THR B 22 13.06 14.24 -5.42
N LYS B 23 12.98 13.44 -4.34
CA LYS B 23 13.63 12.14 -4.26
C LYS B 23 12.96 11.13 -5.20
N ARG B 24 11.63 10.97 -5.03
CA ARG B 24 10.84 10.00 -5.77
C ARG B 24 10.70 10.40 -7.23
N LYS B 25 10.66 11.71 -7.50
CA LYS B 25 10.71 12.20 -8.88
C LYS B 25 11.98 11.67 -9.54
N PHE B 26 13.13 11.84 -8.88
CA PHE B 26 14.35 11.33 -9.51
C PHE B 26 14.22 9.82 -9.73
N GLY B 27 13.65 9.13 -8.73
CA GLY B 27 13.49 7.71 -8.74
C GLY B 27 12.53 7.25 -9.83
N LEU B 28 11.54 8.11 -10.17
CA LEU B 28 10.57 7.77 -11.18
C LEU B 28 11.23 7.88 -12.55
N MET B 29 12.01 8.96 -12.73
CA MET B 29 12.69 9.23 -13.98
C MET B 29 13.75 8.16 -14.24
N LYS B 30 14.40 7.68 -13.16
CA LYS B 30 15.46 6.68 -13.28
C LYS B 30 14.86 5.35 -13.75
N LYS B 31 13.69 4.98 -13.20
CA LYS B 31 12.97 3.79 -13.65
C LYS B 31 12.59 3.91 -15.12
N ALA B 32 12.12 5.10 -15.52
CA ALA B 32 11.75 5.37 -16.90
C ALA B 32 12.97 5.24 -17.82
N TYR B 33 14.11 5.83 -17.40
CA TYR B 33 15.37 5.70 -18.10
C TYR B 33 15.69 4.23 -18.37
N GLU B 34 15.65 3.41 -17.32
CA GLU B 34 16.06 2.01 -17.41
C GLU B 34 15.12 1.27 -18.37
N LEU B 35 13.80 1.49 -18.23
CA LEU B 35 12.80 0.85 -19.07
C LEU B 35 13.04 1.16 -20.55
N SER B 36 13.36 2.43 -20.85
CA SER B 36 13.46 2.92 -22.21
C SER B 36 14.65 2.29 -22.93
N VAL B 37 15.72 1.99 -22.17
CA VAL B 37 16.93 1.38 -22.70
C VAL B 37 16.78 -0.13 -22.78
N LEU B 38 16.35 -0.74 -21.66
CA LEU B 38 16.23 -2.20 -21.56
C LEU B 38 15.31 -2.72 -22.66
N CYS B 39 14.17 -2.04 -22.83
CA CYS B 39 13.07 -2.53 -23.65
C CYS B 39 12.87 -1.70 -24.92
N ASP B 40 13.76 -0.73 -25.20
CA ASP B 40 13.66 0.07 -26.42
C ASP B 40 12.31 0.80 -26.50
N CYS B 41 11.94 1.50 -25.41
CA CYS B 41 10.78 2.38 -25.37
C CYS B 41 11.14 3.86 -25.50
N GLU B 42 10.22 4.62 -26.10
CA GLU B 42 10.23 6.08 -26.10
C GLU B 42 9.22 6.53 -25.04
N ILE B 43 9.70 7.38 -24.11
CA ILE B 43 8.90 7.72 -22.95
C ILE B 43 8.89 9.24 -22.75
N ALA B 44 7.70 9.76 -22.43
CA ALA B 44 7.51 11.10 -21.93
C ALA B 44 6.71 11.00 -20.64
N LEU B 45 7.01 11.92 -19.72
CA LEU B 45 6.43 11.97 -18.40
C LEU B 45 6.20 13.45 -18.13
N ILE B 46 4.96 13.77 -17.71
CA ILE B 46 4.60 15.11 -17.27
C ILE B 46 4.15 15.02 -15.82
N ILE B 47 4.75 15.84 -14.96
CA ILE B 47 4.39 15.97 -13.55
C ILE B 47 4.07 17.44 -13.28
N PHE B 48 2.89 17.71 -12.72
CA PHE B 48 2.59 18.97 -12.05
C PHE B 48 2.55 18.68 -10.56
N ASN B 49 3.45 19.34 -9.78
CA ASN B 49 3.45 19.18 -8.33
C ASN B 49 2.27 19.94 -7.74
N HIS B 50 2.15 20.01 -6.41
CA HIS B 50 0.96 20.55 -5.77
C HIS B 50 0.72 22.02 -6.11
N SER B 51 1.80 22.76 -6.37
CA SER B 51 1.75 24.18 -6.73
C SER B 51 1.65 24.40 -8.24
N ASN B 52 1.47 23.32 -9.01
CA ASN B 52 1.32 23.33 -10.45
C ASN B 52 2.59 23.86 -11.12
N LYS B 53 3.77 23.58 -10.54
CA LYS B 53 5.00 23.66 -11.33
C LYS B 53 5.03 22.45 -12.27
N LEU B 54 5.55 22.67 -13.49
CA LEU B 54 5.59 21.62 -14.50
C LEU B 54 7.01 21.04 -14.51
N PHE B 55 7.12 19.72 -14.31
CA PHE B 55 8.37 18.98 -14.50
C PHE B 55 8.15 17.92 -15.59
N GLN B 56 9.14 17.77 -16.47
CA GLN B 56 8.98 16.85 -17.57
C GLN B 56 10.27 16.06 -17.78
N TYR B 57 10.09 14.83 -18.30
CA TYR B 57 11.18 13.96 -18.69
C TYR B 57 10.81 13.31 -20.01
N ALA B 58 11.82 13.10 -20.87
CA ALA B 58 11.67 12.38 -22.11
C ALA B 58 12.92 11.53 -22.33
N SER B 59 12.75 10.27 -22.74
CA SER B 59 13.91 9.41 -22.96
C SER B 59 14.90 10.14 -23.88
N THR B 60 14.41 10.65 -25.00
CA THR B 60 15.23 11.37 -25.97
C THR B 60 14.63 12.75 -26.31
N ASP B 61 13.33 12.83 -26.61
CA ASP B 61 12.77 14.05 -27.17
C ASP B 61 11.30 14.22 -26.84
N MET B 62 10.98 15.15 -25.93
CA MET B 62 9.61 15.35 -25.48
C MET B 62 8.70 15.72 -26.64
N ASP B 63 9.19 16.57 -27.55
CA ASP B 63 8.42 17.04 -28.69
C ASP B 63 8.11 15.90 -29.66
N LYS B 64 9.11 15.10 -30.03
CA LYS B 64 8.88 13.95 -30.90
C LYS B 64 7.75 13.06 -30.37
N VAL B 65 7.79 12.74 -29.07
CA VAL B 65 6.90 11.78 -28.43
C VAL B 65 5.47 12.31 -28.35
N LEU B 66 5.30 13.58 -27.99
CA LEU B 66 3.97 14.18 -27.99
C LEU B 66 3.38 14.16 -29.40
N LEU B 67 4.16 14.63 -30.39
CA LEU B 67 3.76 14.59 -31.79
C LEU B 67 3.34 13.18 -32.23
N LYS B 68 4.12 12.16 -31.86
CA LYS B 68 3.73 10.79 -32.14
C LYS B 68 2.38 10.48 -31.51
N TYR B 69 2.18 10.89 -30.26
CA TYR B 69 0.98 10.56 -29.51
C TYR B 69 -0.26 11.03 -30.27
N THR B 70 -0.14 12.22 -30.90
CA THR B 70 -1.25 12.89 -31.54
C THR B 70 -1.64 12.17 -32.83
N GLU B 71 -0.67 11.43 -33.42
CA GLU B 71 -0.90 10.72 -34.68
C GLU B 71 -1.59 9.38 -34.42
N TYR B 72 -1.54 8.88 -33.17
CA TYR B 72 -2.23 7.65 -32.80
C TYR B 72 -3.66 7.96 -32.35
N ASN B 73 -4.63 7.32 -33.00
CA ASN B 73 -6.05 7.57 -32.76
C ASN B 73 -6.47 7.16 -31.35
N GLU B 74 -5.97 6.03 -30.87
CA GLU B 74 -6.37 5.48 -29.57
C GLU B 74 -5.20 4.73 -28.93
N PRO B 75 -5.11 4.71 -27.58
CA PRO B 75 -4.04 3.98 -26.88
C PRO B 75 -4.36 2.48 -26.81
N HIS B 76 -3.32 1.66 -26.97
CA HIS B 76 -3.43 0.21 -26.84
C HIS B 76 -3.72 -0.17 -25.39
N GLU B 77 -3.36 0.73 -24.45
CA GLU B 77 -3.62 0.56 -23.03
C GLU B 77 -3.71 1.95 -22.41
N SER B 78 -4.70 2.16 -21.54
CA SER B 78 -4.89 3.42 -20.83
C SER B 78 -5.17 3.10 -19.37
N ARG B 79 -4.30 3.58 -18.45
CA ARG B 79 -4.44 3.31 -17.03
C ARG B 79 -4.54 4.61 -16.25
N THR B 80 -5.20 4.54 -15.08
CA THR B 80 -5.33 5.63 -14.13
C THR B 80 -5.03 5.08 -12.73
N ASN B 81 -5.02 5.97 -11.73
CA ASN B 81 -4.77 5.55 -10.35
C ASN B 81 -5.75 4.45 -9.96
N ALA B 82 -7.04 4.65 -10.28
CA ALA B 82 -8.10 3.67 -10.04
C ALA B 82 -7.67 2.26 -10.48
N ASP B 83 -7.18 2.16 -11.72
CA ASP B 83 -6.74 0.92 -12.35
C ASP B 83 -5.54 0.34 -11.62
N ILE B 84 -4.59 1.19 -11.19
CA ILE B 84 -3.41 0.76 -10.45
C ILE B 84 -3.82 0.19 -9.08
N ILE B 85 -4.70 0.91 -8.38
CA ILE B 85 -5.26 0.41 -7.13
C ILE B 85 -5.89 -0.97 -7.35
N GLU B 86 -6.64 -1.14 -8.44
CA GLU B 86 -7.31 -2.39 -8.75
C GLU B 86 -6.30 -3.54 -8.95
N THR B 87 -5.27 -3.32 -9.77
CA THR B 87 -4.21 -4.31 -10.00
C THR B 87 -3.59 -4.76 -8.68
N LEU B 88 -3.32 -3.80 -7.78
CA LEU B 88 -2.75 -4.10 -6.47
C LEU B 88 -3.67 -5.01 -5.67
N ARG B 89 -4.97 -4.68 -5.62
CA ARG B 89 -5.96 -5.50 -4.92
C ARG B 89 -5.87 -6.94 -5.43
N LYS B 90 -5.86 -7.10 -6.77
CA LYS B 90 -5.76 -8.41 -7.38
C LYS B 90 -4.45 -9.08 -6.99
N LYS B 91 -3.33 -8.33 -7.11
CA LYS B 91 -2.01 -8.87 -6.81
C LYS B 91 -1.96 -9.38 -5.38
N GLY B 92 -2.82 -8.84 -4.50
CA GLY B 92 -2.84 -9.27 -3.10
C GLY B 92 -1.49 -9.00 -2.41
N PHE B 93 -0.97 -10.00 -1.69
CA PHE B 93 0.20 -9.82 -0.82
C PHE B 93 1.48 -10.39 -1.46
N GLY C 3 -22.80 -2.44 3.75
CA GLY C 3 -23.35 -1.79 2.53
C GLY C 3 -22.72 -0.42 2.32
N GLU C 4 -23.41 0.62 2.80
CA GLU C 4 -22.84 1.96 2.83
C GLU C 4 -21.55 1.95 3.65
N VAL C 5 -21.51 1.09 4.67
CA VAL C 5 -20.36 0.96 5.56
C VAL C 5 -19.13 0.62 4.71
N LYS C 6 -19.34 -0.15 3.63
CA LYS C 6 -18.26 -0.56 2.75
C LYS C 6 -17.82 0.63 1.93
N MET C 7 -18.77 1.26 1.23
CA MET C 7 -18.47 2.40 0.38
C MET C 7 -17.58 3.37 1.14
N LYS C 8 -17.88 3.52 2.44
CA LYS C 8 -17.14 4.43 3.30
C LYS C 8 -15.73 3.89 3.52
N LEU C 9 -15.63 2.58 3.83
CA LEU C 9 -14.33 1.96 4.00
C LEU C 9 -13.52 2.14 2.73
N GLN C 10 -14.12 1.79 1.59
CA GLN C 10 -13.45 1.90 0.31
C GLN C 10 -13.07 3.35 0.06
N GLU C 11 -14.07 4.24 0.17
CA GLU C 11 -13.87 5.67 -0.15
C GLU C 11 -12.60 6.24 0.47
N PHE C 12 -12.44 6.11 1.79
CA PHE C 12 -11.30 6.78 2.44
C PHE C 12 -10.08 5.86 2.55
N VAL C 13 -10.18 4.61 2.12
CA VAL C 13 -8.95 3.76 2.07
C VAL C 13 -8.25 4.09 0.74
N LEU C 14 -8.90 4.91 -0.09
CA LEU C 14 -8.28 5.34 -1.37
C LEU C 14 -7.41 6.55 -1.07
N ASN C 15 -7.51 7.12 0.13
CA ASN C 15 -6.65 8.26 0.54
C ASN C 15 -5.22 7.97 0.12
N GLY D 2 4.29 -25.25 25.09
CA GLY D 2 4.05 -26.56 24.41
C GLY D 2 5.12 -27.60 24.77
N ARG D 3 4.91 -28.82 24.26
CA ARG D 3 5.73 -29.97 24.60
C ARG D 3 7.18 -29.76 24.15
N LYS D 4 7.37 -29.01 23.03
CA LYS D 4 8.68 -28.55 22.59
C LYS D 4 8.54 -27.15 21.99
N LYS D 5 9.65 -26.40 21.99
CA LYS D 5 9.72 -25.06 21.45
C LYS D 5 9.52 -25.13 19.93
N ILE D 6 8.55 -24.35 19.46
CA ILE D 6 8.19 -24.16 18.07
C ILE D 6 9.05 -23.04 17.51
N GLN D 7 9.29 -23.08 16.19
CA GLN D 7 9.93 -21.98 15.47
C GLN D 7 8.82 -21.21 14.76
N ILE D 8 8.99 -19.87 14.66
CA ILE D 8 8.03 -19.06 13.94
C ILE D 8 8.40 -19.10 12.44
N GLN D 9 7.82 -20.08 11.73
CA GLN D 9 7.96 -20.31 10.30
C GLN D 9 6.70 -21.02 9.82
N ARG D 10 6.37 -20.88 8.53
CA ARG D 10 5.21 -21.53 7.94
C ARG D 10 5.20 -23.03 8.24
N ILE D 11 4.05 -23.54 8.71
CA ILE D 11 3.85 -24.94 9.06
C ILE D 11 3.48 -25.68 7.77
N THR D 12 4.14 -26.83 7.55
CA THR D 12 4.09 -27.55 6.27
C THR D 12 3.03 -28.64 6.29
N ASP D 13 2.90 -29.36 7.43
CA ASP D 13 1.81 -30.32 7.57
C ASP D 13 0.48 -29.57 7.56
N GLU D 14 -0.31 -29.79 6.50
CA GLU D 14 -1.57 -29.12 6.20
C GLU D 14 -2.52 -29.16 7.40
N ARG D 15 -2.64 -30.33 8.04
CA ARG D 15 -3.56 -30.52 9.15
C ARG D 15 -3.01 -29.87 10.44
N ASN D 16 -1.68 -29.96 10.63
CA ASN D 16 -1.05 -29.26 11.76
C ASN D 16 -1.37 -27.76 11.67
N ARG D 17 -1.29 -27.22 10.46
CA ARG D 17 -1.48 -25.82 10.15
C ARG D 17 -2.90 -25.37 10.43
N GLN D 18 -3.89 -26.18 10.00
CA GLN D 18 -5.30 -25.88 10.15
C GLN D 18 -5.70 -25.91 11.63
N VAL D 19 -5.11 -26.86 12.38
CA VAL D 19 -5.40 -27.10 13.79
C VAL D 19 -4.80 -25.96 14.61
N THR D 20 -3.50 -25.68 14.42
CA THR D 20 -2.82 -24.54 15.01
C THR D 20 -3.61 -23.26 14.71
N PHE D 21 -4.03 -23.09 13.45
CA PHE D 21 -4.78 -21.93 13.01
C PHE D 21 -6.04 -21.69 13.85
N THR D 22 -6.92 -22.70 13.96
CA THR D 22 -8.15 -22.54 14.72
C THR D 22 -7.88 -22.27 16.21
N LYS D 23 -6.84 -22.91 16.76
CA LYS D 23 -6.49 -22.81 18.17
C LYS D 23 -5.95 -21.42 18.50
N ARG D 24 -4.94 -20.97 17.74
CA ARG D 24 -4.26 -19.70 17.96
C ARG D 24 -5.15 -18.52 17.63
N LYS D 25 -6.00 -18.69 16.59
CA LYS D 25 -7.03 -17.71 16.28
C LYS D 25 -7.91 -17.53 17.51
N PHE D 26 -8.36 -18.62 18.12
CA PHE D 26 -9.17 -18.48 19.32
C PHE D 26 -8.38 -17.74 20.41
N GLY D 27 -7.11 -18.10 20.57
CA GLY D 27 -6.25 -17.58 21.62
C GLY D 27 -6.15 -16.06 21.54
N LEU D 28 -5.96 -15.59 20.31
CA LEU D 28 -5.77 -14.20 19.95
C LEU D 28 -7.09 -13.43 20.14
N MET D 29 -8.23 -14.04 19.79
CA MET D 29 -9.52 -13.40 20.03
C MET D 29 -9.80 -13.30 21.53
N LYS D 30 -9.36 -14.31 22.28
CA LYS D 30 -9.53 -14.35 23.73
C LYS D 30 -8.75 -13.20 24.38
N LYS D 31 -7.50 -12.98 23.90
CA LYS D 31 -6.67 -11.89 24.36
C LYS D 31 -7.34 -10.56 24.01
N ALA D 32 -7.91 -10.45 22.80
CA ALA D 32 -8.61 -9.25 22.37
C ALA D 32 -9.82 -8.97 23.26
N TYR D 33 -10.63 -10.00 23.54
CA TYR D 33 -11.71 -9.90 24.49
C TYR D 33 -11.22 -9.31 25.83
N GLU D 34 -10.17 -9.91 26.39
CA GLU D 34 -9.65 -9.52 27.69
C GLU D 34 -9.19 -8.05 27.66
N LEU D 35 -8.43 -7.68 26.63
CA LEU D 35 -7.89 -6.33 26.48
C LEU D 35 -9.01 -5.29 26.36
N SER D 36 -10.11 -5.63 25.68
CA SER D 36 -11.21 -4.73 25.44
C SER D 36 -11.93 -4.37 26.74
N VAL D 37 -12.02 -5.34 27.65
CA VAL D 37 -12.81 -5.22 28.86
C VAL D 37 -11.96 -4.60 29.97
N LEU D 38 -10.78 -5.18 30.20
CA LEU D 38 -9.83 -4.69 31.21
C LEU D 38 -9.53 -3.21 31.00
N CYS D 39 -9.23 -2.84 29.74
CA CYS D 39 -8.71 -1.53 29.39
C CYS D 39 -9.73 -0.65 28.68
N ASP D 40 -10.96 -1.14 28.50
CA ASP D 40 -12.05 -0.37 27.91
C ASP D 40 -11.62 0.22 26.56
N CYS D 41 -11.34 -0.65 25.57
CA CYS D 41 -10.84 -0.21 24.28
C CYS D 41 -11.46 -1.01 23.13
N GLU D 42 -12.09 -0.34 22.15
CA GLU D 42 -12.68 -0.98 20.98
C GLU D 42 -11.60 -1.67 20.15
N ILE D 43 -11.89 -2.88 19.64
CA ILE D 43 -10.90 -3.64 18.88
C ILE D 43 -11.60 -4.28 17.67
N ALA D 44 -10.90 -4.30 16.54
CA ALA D 44 -11.34 -5.00 15.34
C ALA D 44 -10.19 -5.91 14.89
N LEU D 45 -10.52 -7.16 14.60
CA LEU D 45 -9.53 -8.11 14.08
C LEU D 45 -10.01 -8.62 12.72
N ILE D 46 -9.16 -8.52 11.68
CA ILE D 46 -9.47 -9.08 10.38
C ILE D 46 -8.41 -10.13 10.03
N ILE D 47 -8.84 -11.35 9.69
CA ILE D 47 -7.94 -12.44 9.32
C ILE D 47 -8.40 -13.04 8.00
N PHE D 48 -7.48 -13.09 7.01
CA PHE D 48 -7.62 -13.92 5.82
C PHE D 48 -6.67 -15.11 5.93
N ASN D 49 -7.25 -16.32 5.92
CA ASN D 49 -6.42 -17.52 5.89
C ASN D 49 -5.90 -17.72 4.47
N HIS D 50 -5.08 -18.76 4.30
CA HIS D 50 -4.44 -19.08 3.04
C HIS D 50 -5.46 -19.36 1.93
N SER D 51 -6.67 -19.80 2.29
CA SER D 51 -7.77 -20.09 1.37
C SER D 51 -8.64 -18.86 1.09
N ASN D 52 -8.19 -17.67 1.54
CA ASN D 52 -8.85 -16.39 1.31
C ASN D 52 -10.23 -16.35 1.98
N LYS D 53 -10.39 -17.02 3.11
CA LYS D 53 -11.63 -16.94 3.87
C LYS D 53 -11.44 -15.85 4.91
N LEU D 54 -12.43 -14.96 5.04
CA LEU D 54 -12.39 -13.88 6.02
C LEU D 54 -12.90 -14.39 7.37
N PHE D 55 -12.15 -14.14 8.45
CA PHE D 55 -12.59 -14.31 9.84
C PHE D 55 -12.42 -12.96 10.54
N GLN D 56 -13.42 -12.58 11.34
CA GLN D 56 -13.33 -11.28 12.00
C GLN D 56 -13.83 -11.36 13.44
N TYR D 57 -13.30 -10.46 14.26
CA TYR D 57 -13.70 -10.24 15.63
C TYR D 57 -13.86 -8.73 15.83
N ALA D 58 -14.87 -8.37 16.64
CA ALA D 58 -15.09 -6.98 17.02
C ALA D 58 -15.54 -6.97 18.47
N SER D 59 -14.97 -6.07 19.27
CA SER D 59 -15.37 -5.91 20.66
C SER D 59 -16.90 -5.94 20.76
N THR D 60 -17.56 -4.95 20.11
CA THR D 60 -19.02 -4.93 20.04
C THR D 60 -19.52 -4.86 18.59
N ASP D 61 -18.97 -3.93 17.80
CA ASP D 61 -19.43 -3.68 16.44
C ASP D 61 -18.25 -3.38 15.50
N MET D 62 -18.15 -4.16 14.43
CA MET D 62 -17.05 -4.05 13.49
C MET D 62 -17.22 -2.76 12.67
N ASP D 63 -18.47 -2.33 12.48
CA ASP D 63 -18.81 -1.21 11.61
C ASP D 63 -18.25 0.11 12.16
N LYS D 64 -18.74 0.51 13.34
CA LYS D 64 -18.32 1.75 14.00
C LYS D 64 -16.80 1.88 13.98
N VAL D 65 -16.10 0.88 14.54
CA VAL D 65 -14.65 0.89 14.58
C VAL D 65 -14.10 1.22 13.19
N LEU D 66 -14.48 0.45 12.16
CA LEU D 66 -13.92 0.62 10.83
C LEU D 66 -14.16 2.04 10.30
N LEU D 67 -15.36 2.58 10.55
CA LEU D 67 -15.70 3.93 10.14
C LEU D 67 -14.73 4.93 10.78
N LYS D 68 -14.70 4.97 12.13
CA LYS D 68 -13.83 5.87 12.85
C LYS D 68 -12.39 5.77 12.33
N TYR D 69 -11.95 4.55 12.04
CA TYR D 69 -10.59 4.35 11.58
C TYR D 69 -10.34 5.12 10.29
N THR D 70 -11.15 4.81 9.26
CA THR D 70 -10.98 5.40 7.93
C THR D 70 -11.39 6.88 7.96
N GLU D 71 -12.18 7.27 8.98
CA GLU D 71 -12.57 8.66 9.15
C GLU D 71 -11.32 9.52 9.33
N TYR D 72 -10.58 9.30 10.44
CA TYR D 72 -9.42 10.12 10.76
C TYR D 72 -8.15 9.29 10.63
N ASN D 73 -7.13 9.85 9.96
CA ASN D 73 -5.86 9.16 9.75
C ASN D 73 -4.69 10.03 10.22
N GLU D 74 -4.86 10.72 11.36
CA GLU D 74 -3.78 11.49 11.98
C GLU D 74 -2.70 10.56 12.52
N PRO D 75 -1.45 11.03 12.76
CA PRO D 75 -0.34 10.19 13.23
C PRO D 75 -0.73 9.29 14.40
N HIS D 76 -0.22 8.05 14.42
CA HIS D 76 -0.59 7.05 15.41
C HIS D 76 0.36 5.84 15.35
N GLU D 77 0.53 5.14 16.49
CA GLU D 77 1.28 3.88 16.49
C GLU D 77 0.78 3.06 15.31
N SER D 78 1.71 2.47 14.55
CA SER D 78 1.41 1.82 13.30
C SER D 78 2.41 0.68 13.07
N ARG D 79 2.24 -0.45 13.76
CA ARG D 79 3.24 -1.51 13.77
C ARG D 79 2.97 -2.50 12.63
N THR D 80 4.02 -3.22 12.23
CA THR D 80 3.99 -4.34 11.31
C THR D 80 4.82 -5.48 11.88
N ASN D 81 4.89 -6.61 11.17
CA ASN D 81 5.72 -7.73 11.56
C ASN D 81 7.16 -7.26 11.81
N ALA D 82 7.71 -6.49 10.87
CA ALA D 82 9.09 -6.03 10.97
C ALA D 82 9.33 -5.28 12.28
N ASP D 83 8.37 -4.44 12.72
CA ASP D 83 8.46 -3.76 14.00
C ASP D 83 8.51 -4.76 15.17
N ILE D 84 7.66 -5.80 15.12
CA ILE D 84 7.53 -6.78 16.18
C ILE D 84 8.80 -7.59 16.28
N ILE D 85 9.28 -8.12 15.14
CA ILE D 85 10.56 -8.82 15.08
C ILE D 85 11.67 -7.97 15.71
N GLU D 86 11.69 -6.67 15.37
CA GLU D 86 12.65 -5.74 15.95
C GLU D 86 12.55 -5.72 17.48
N THR D 87 11.36 -5.44 18.02
CA THR D 87 11.19 -5.29 19.47
C THR D 87 11.71 -6.54 20.19
N LEU D 88 11.30 -7.72 19.73
CA LEU D 88 11.76 -8.98 20.31
C LEU D 88 13.29 -9.01 20.39
N ARG D 89 13.97 -8.70 19.28
CA ARG D 89 15.41 -8.62 19.27
C ARG D 89 15.93 -7.76 20.43
N LYS D 90 15.38 -6.54 20.57
CA LYS D 90 15.77 -5.63 21.64
C LYS D 90 15.59 -6.30 23.00
N LYS D 91 14.40 -6.86 23.25
CA LYS D 91 14.13 -7.50 24.54
C LYS D 91 15.12 -8.65 24.77
N GLY D 92 15.43 -9.40 23.69
CA GLY D 92 16.36 -10.52 23.79
C GLY D 92 15.85 -11.58 24.75
N PHE D 93 16.58 -11.83 25.85
CA PHE D 93 16.16 -12.78 26.87
C PHE D 93 15.20 -12.12 27.87
N GLY E 2 0.10 -14.71 35.59
CA GLY E 2 0.48 -13.60 36.49
C GLY E 2 0.81 -14.09 37.89
N ARG E 3 1.12 -13.13 38.80
CA ARG E 3 1.25 -13.42 40.22
C ARG E 3 -0.05 -13.99 40.79
N LYS E 4 -1.18 -13.58 40.20
CA LYS E 4 -2.51 -14.01 40.59
C LYS E 4 -3.41 -14.03 39.36
N LYS E 5 -4.43 -14.90 39.36
CA LYS E 5 -5.58 -14.77 38.48
C LYS E 5 -6.28 -13.44 38.79
N ILE E 6 -6.70 -12.73 37.75
CA ILE E 6 -7.59 -11.58 37.82
C ILE E 6 -8.90 -11.94 37.14
N GLN E 7 -9.99 -11.28 37.56
CA GLN E 7 -11.27 -11.29 36.88
C GLN E 7 -11.15 -10.42 35.64
N ILE E 8 -11.87 -10.78 34.57
CA ILE E 8 -11.93 -9.92 33.39
C ILE E 8 -13.04 -8.89 33.62
N GLN E 9 -12.63 -7.74 34.20
CA GLN E 9 -13.49 -6.61 34.55
C GLN E 9 -12.69 -5.33 34.38
N ARG E 10 -13.38 -4.19 34.20
CA ARG E 10 -12.71 -2.95 33.84
C ARG E 10 -11.83 -2.48 35.00
N ILE E 11 -10.57 -2.12 34.69
CA ILE E 11 -9.60 -1.60 35.64
C ILE E 11 -9.89 -0.11 35.83
N THR E 12 -10.02 0.32 37.11
CA THR E 12 -10.43 1.67 37.45
C THR E 12 -9.23 2.57 37.74
N ASP E 13 -8.14 1.99 38.24
CA ASP E 13 -6.88 2.69 38.41
C ASP E 13 -6.33 3.05 37.02
N GLU E 14 -6.16 4.36 36.79
CA GLU E 14 -5.72 4.92 35.53
C GLU E 14 -4.36 4.38 35.11
N ARG E 15 -3.40 4.32 36.06
CA ARG E 15 -2.02 3.95 35.75
C ARG E 15 -1.93 2.44 35.48
N ASN E 16 -2.59 1.65 36.34
CA ASN E 16 -2.67 0.21 36.14
C ASN E 16 -3.21 -0.09 34.75
N ARG E 17 -4.28 0.63 34.35
CA ARG E 17 -5.01 0.44 33.10
C ARG E 17 -4.13 0.68 31.89
N GLN E 18 -3.36 1.78 31.92
CA GLN E 18 -2.45 2.18 30.86
C GLN E 18 -1.29 1.19 30.74
N VAL E 19 -0.84 0.66 31.89
CA VAL E 19 0.28 -0.27 31.97
C VAL E 19 -0.14 -1.63 31.43
N THR E 20 -1.26 -2.16 31.90
CA THR E 20 -1.89 -3.35 31.37
C THR E 20 -2.09 -3.19 29.86
N PHE E 21 -2.61 -2.02 29.44
CA PHE E 21 -2.91 -1.72 28.06
C PHE E 21 -1.69 -1.91 27.15
N THR E 22 -0.58 -1.22 27.45
CA THR E 22 0.63 -1.27 26.64
C THR E 22 1.20 -2.69 26.57
N LYS E 23 1.17 -3.41 27.71
CA LYS E 23 1.74 -4.74 27.86
C LYS E 23 0.98 -5.77 27.01
N ARG E 24 -0.36 -5.81 27.19
CA ARG E 24 -1.23 -6.78 26.55
C ARG E 24 -1.41 -6.46 25.08
N LYS E 25 -1.43 -5.16 24.74
CA LYS E 25 -1.45 -4.75 23.34
C LYS E 25 -0.25 -5.38 22.62
N PHE E 26 0.94 -5.24 23.19
CA PHE E 26 2.09 -5.81 22.53
C PHE E 26 1.95 -7.33 22.48
N GLY E 27 1.44 -7.93 23.58
CA GLY E 27 1.18 -9.36 23.63
C GLY E 27 0.26 -9.80 22.50
N LEU E 28 -0.79 -8.99 22.29
CA LEU E 28 -1.80 -9.23 21.27
C LEU E 28 -1.14 -9.25 19.89
N MET E 29 -0.36 -8.21 19.58
CA MET E 29 0.28 -8.04 18.30
C MET E 29 1.31 -9.15 18.07
N LYS E 30 1.98 -9.58 19.13
CA LYS E 30 2.99 -10.63 19.04
C LYS E 30 2.32 -11.95 18.67
N LYS E 31 1.16 -12.25 19.28
CA LYS E 31 0.39 -13.43 18.93
C LYS E 31 -0.06 -13.36 17.47
N ALA E 32 -0.50 -12.16 17.04
CA ALA E 32 -0.91 -11.94 15.66
C ALA E 32 0.25 -12.20 14.69
N TYR E 33 1.43 -11.64 15.00
CA TYR E 33 2.65 -11.91 14.26
C TYR E 33 2.88 -13.41 14.11
N GLU E 34 2.83 -14.15 15.24
CA GLU E 34 3.13 -15.57 15.24
C GLU E 34 2.16 -16.32 14.32
N LEU E 35 0.85 -16.03 14.51
CA LEU E 35 -0.21 -16.67 13.76
C LEU E 35 -0.04 -16.44 12.25
N SER E 36 0.32 -15.20 11.87
CA SER E 36 0.33 -14.80 10.48
C SER E 36 1.45 -15.49 9.71
N VAL E 37 2.55 -15.81 10.40
CA VAL E 37 3.68 -16.51 9.82
C VAL E 37 3.44 -18.03 9.82
N LEU E 38 3.05 -18.57 10.98
CA LEU E 38 2.88 -20.00 11.18
C LEU E 38 1.86 -20.55 10.19
N CYS E 39 0.71 -19.88 10.10
CA CYS E 39 -0.41 -20.41 9.27
C CYS E 39 -0.63 -19.60 7.99
N ASP E 40 0.43 -18.98 7.44
CA ASP E 40 0.33 -18.26 6.14
C ASP E 40 -0.98 -17.48 6.05
N CYS E 41 -1.20 -16.55 6.97
CA CYS E 41 -2.46 -15.75 6.97
C CYS E 41 -2.13 -14.25 7.07
N GLU E 42 -3.08 -13.39 6.73
CA GLU E 42 -2.87 -11.92 6.78
C GLU E 42 -3.75 -11.33 7.88
N ILE E 43 -3.20 -10.40 8.68
CA ILE E 43 -3.98 -9.90 9.85
C ILE E 43 -3.90 -8.38 10.01
N ALA E 44 -5.03 -7.74 10.25
CA ALA E 44 -5.10 -6.31 10.55
C ALA E 44 -5.73 -6.14 11.93
N LEU E 45 -5.06 -5.36 12.81
CA LEU E 45 -5.60 -5.07 14.13
C LEU E 45 -5.84 -3.57 14.27
N ILE E 46 -7.04 -3.17 14.67
CA ILE E 46 -7.37 -1.77 14.90
C ILE E 46 -7.82 -1.63 16.36
N ILE E 47 -7.22 -0.68 17.11
CA ILE E 47 -7.54 -0.52 18.53
C ILE E 47 -7.73 0.97 18.87
N PHE E 48 -8.90 1.32 19.39
CA PHE E 48 -9.14 2.64 19.97
C PHE E 48 -9.21 2.51 21.47
N ASN E 49 -8.33 3.23 22.19
CA ASN E 49 -8.39 3.27 23.65
C ASN E 49 -9.58 4.13 24.08
N HIS E 50 -9.75 4.31 25.41
CA HIS E 50 -10.85 5.10 25.96
C HIS E 50 -10.81 6.55 25.46
N SER E 51 -9.60 7.06 25.21
CA SER E 51 -9.35 8.42 24.74
C SER E 51 -9.30 8.51 23.21
N ASN E 52 -9.85 7.48 22.53
CA ASN E 52 -10.03 7.40 21.09
C ASN E 52 -8.73 7.66 20.32
N LYS E 53 -7.60 7.24 20.90
CA LYS E 53 -6.35 7.21 20.15
C LYS E 53 -6.25 5.85 19.45
N LEU E 54 -5.93 5.90 18.16
CA LEU E 54 -5.80 4.73 17.31
C LEU E 54 -4.45 4.07 17.52
N PHE E 55 -4.48 2.73 17.62
CA PHE E 55 -3.29 1.91 17.43
C PHE E 55 -3.63 0.84 16.41
N GLN E 56 -2.72 0.63 15.45
CA GLN E 56 -3.02 -0.33 14.40
C GLN E 56 -1.80 -1.20 14.09
N TYR E 57 -2.08 -2.38 13.55
CA TYR E 57 -1.09 -3.38 13.21
C TYR E 57 -1.59 -4.14 11.99
N ALA E 58 -0.65 -4.50 11.11
CA ALA E 58 -0.91 -5.33 9.94
C ALA E 58 0.27 -6.27 9.73
N SER E 59 0.00 -7.54 9.44
CA SER E 59 1.06 -8.50 9.24
C SER E 59 2.01 -7.99 8.15
N THR E 60 1.45 -7.57 7.00
CA THR E 60 2.25 -7.10 5.87
C THR E 60 1.93 -5.64 5.50
N ASP E 61 0.65 -5.30 5.35
CA ASP E 61 0.27 -4.05 4.71
C ASP E 61 -1.18 -3.72 5.05
N MET E 62 -1.38 -2.71 5.90
CA MET E 62 -2.69 -2.31 6.38
C MET E 62 -3.67 -2.04 5.24
N ASP E 63 -3.18 -1.45 4.14
CA ASP E 63 -4.03 -1.06 3.01
C ASP E 63 -4.67 -2.28 2.36
N LYS E 64 -3.86 -3.17 1.78
CA LYS E 64 -4.34 -4.37 1.11
C LYS E 64 -5.47 -5.04 1.90
N VAL E 65 -5.24 -5.29 3.19
CA VAL E 65 -6.19 -5.98 4.04
C VAL E 65 -7.52 -5.22 4.03
N LEU E 66 -7.46 -3.90 4.34
CA LEU E 66 -8.66 -3.10 4.42
C LEU E 66 -9.40 -3.10 3.08
N LEU E 67 -8.66 -3.11 1.96
CA LEU E 67 -9.24 -3.27 0.64
C LEU E 67 -9.88 -4.65 0.53
N LYS E 68 -9.10 -5.73 0.61
CA LYS E 68 -9.66 -7.07 0.46
C LYS E 68 -11.03 -7.16 1.15
N TYR E 69 -11.11 -6.59 2.35
CA TYR E 69 -12.28 -6.71 3.20
C TYR E 69 -13.55 -6.29 2.48
N THR E 70 -13.44 -5.27 1.63
CA THR E 70 -14.55 -4.67 0.91
C THR E 70 -15.03 -5.56 -0.23
N GLU E 71 -14.20 -6.53 -0.65
CA GLU E 71 -14.56 -7.53 -1.66
C GLU E 71 -15.47 -8.61 -1.08
N TYR E 72 -15.52 -8.76 0.25
CA TYR E 72 -16.40 -9.68 0.94
C TYR E 72 -17.60 -8.92 1.50
N ASN E 73 -18.80 -9.34 1.09
CA ASN E 73 -20.04 -8.80 1.61
C ASN E 73 -20.31 -9.43 2.98
N GLU E 74 -19.71 -10.61 3.21
CA GLU E 74 -20.18 -11.61 4.16
C GLU E 74 -18.96 -12.26 4.81
N PRO E 75 -18.80 -12.16 6.16
CA PRO E 75 -17.69 -12.82 6.85
C PRO E 75 -17.99 -14.32 6.90
N HIS E 76 -16.96 -15.14 6.65
CA HIS E 76 -17.10 -16.59 6.75
C HIS E 76 -17.26 -16.99 8.23
N GLU E 77 -16.73 -16.14 9.10
CA GLU E 77 -16.82 -16.27 10.55
C GLU E 77 -16.72 -14.87 11.15
N SER E 78 -17.54 -14.59 12.16
CA SER E 78 -17.68 -13.25 12.72
C SER E 78 -18.01 -13.38 14.19
N ARG E 79 -17.10 -12.93 15.07
CA ARG E 79 -17.20 -13.13 16.51
C ARG E 79 -17.19 -11.79 17.24
N THR E 80 -17.77 -11.79 18.43
CA THR E 80 -17.80 -10.68 19.37
C THR E 80 -17.46 -11.22 20.76
N ASN E 81 -17.35 -10.29 21.73
CA ASN E 81 -17.06 -10.63 23.11
C ASN E 81 -18.03 -11.73 23.60
N ALA E 82 -19.33 -11.53 23.33
CA ALA E 82 -20.31 -12.48 23.80
C ALA E 82 -20.02 -13.89 23.29
N ASP E 83 -19.67 -14.03 21.99
CA ASP E 83 -19.31 -15.31 21.41
C ASP E 83 -18.15 -15.97 22.17
N ILE E 84 -17.09 -15.19 22.44
CA ILE E 84 -15.90 -15.70 23.11
C ILE E 84 -16.26 -16.16 24.52
N ILE E 85 -16.98 -15.31 25.27
CA ILE E 85 -17.44 -15.66 26.61
C ILE E 85 -18.18 -17.00 26.57
N GLU E 86 -19.10 -17.16 25.60
CA GLU E 86 -19.83 -18.40 25.43
C GLU E 86 -18.87 -19.57 25.27
N THR E 87 -17.96 -19.49 24.29
CA THR E 87 -16.99 -20.55 24.04
C THR E 87 -16.29 -20.97 25.32
N LEU E 88 -15.83 -19.99 26.11
CA LEU E 88 -15.11 -20.25 27.34
C LEU E 88 -16.01 -21.00 28.32
N ARG E 89 -17.25 -20.52 28.49
CA ARG E 89 -18.21 -21.19 29.37
C ARG E 89 -18.34 -22.68 29.02
N LYS E 90 -18.43 -22.98 27.72
CA LYS E 90 -18.51 -24.37 27.26
C LYS E 90 -17.27 -25.14 27.68
N LYS E 91 -16.08 -24.58 27.40
CA LYS E 91 -14.82 -25.26 27.72
C LYS E 91 -14.72 -25.56 29.22
N GLY E 92 -15.42 -24.76 30.04
CA GLY E 92 -15.43 -24.99 31.48
C GLY E 92 -14.88 -23.81 32.24
N GLY H 1 -13.24 15.04 -25.40
CA GLY H 1 -12.83 15.01 -26.84
C GLY H 1 -11.31 14.83 -26.98
N SER H 2 -10.86 13.58 -27.02
CA SER H 2 -9.40 13.28 -27.14
C SER H 2 -8.86 13.81 -28.47
N GLY H 3 -9.67 13.77 -29.53
CA GLY H 3 -9.24 14.30 -30.83
C GLY H 3 -9.02 15.79 -30.77
N GLU H 4 -9.86 16.50 -30.02
CA GLU H 4 -9.62 17.95 -29.83
C GLU H 4 -8.33 18.11 -29.03
N VAL H 5 -8.21 17.43 -27.90
CA VAL H 5 -6.99 17.56 -27.05
C VAL H 5 -5.75 17.27 -27.89
N LYS H 6 -5.80 16.23 -28.71
CA LYS H 6 -4.65 15.86 -29.53
C LYS H 6 -4.33 16.96 -30.54
N MET H 7 -5.38 17.56 -31.12
CA MET H 7 -5.22 18.62 -32.12
C MET H 7 -4.71 19.92 -31.49
N LYS H 8 -5.14 20.21 -30.25
CA LYS H 8 -4.61 21.36 -29.53
C LYS H 8 -3.16 21.12 -29.14
N LEU H 9 -2.85 19.89 -28.65
CA LEU H 9 -1.48 19.52 -28.35
C LEU H 9 -0.61 19.65 -29.59
N GLN H 10 -1.12 19.14 -30.73
CA GLN H 10 -0.39 19.19 -32.00
C GLN H 10 0.00 20.64 -32.33
N GLU H 11 -0.99 21.53 -32.35
CA GLU H 11 -0.76 22.93 -32.71
C GLU H 11 0.22 23.63 -31.76
N PHE H 12 0.07 23.38 -30.45
CA PHE H 12 1.00 23.91 -29.45
C PHE H 12 2.43 23.51 -29.80
N VAL H 13 2.75 22.21 -29.68
CA VAL H 13 4.09 21.72 -29.93
C VAL H 13 4.66 22.23 -31.26
N LEU H 14 3.86 22.17 -32.33
CA LEU H 14 4.33 22.57 -33.67
C LEU H 14 4.69 24.06 -33.66
N ASN H 15 3.77 24.93 -33.21
CA ASN H 15 4.06 26.35 -33.08
C ASN H 15 5.29 26.55 -32.18
#